data_8ELL
#
_entry.id   8ELL
#
_cell.length_a   42.187
_cell.length_b   45.668
_cell.length_c   104.213
_cell.angle_alpha   90.000
_cell.angle_beta   90.000
_cell.angle_gamma   90.000
#
_symmetry.space_group_name_H-M   'P 21 21 21'
#
loop_
_entity.id
_entity.type
_entity.pdbx_description
1 polymer 'Flavin reductase (NADPH)'
2 non-polymer 'SODIUM ION'
3 water water
#
_entity_poly.entity_id   1
_entity_poly.type   'polypeptide(L)'
_entity_poly.pdbx_seq_one_letter_code
;MAVKKIAIFGATGQTGLTTLAQAVQAGYEVTVLVRDSSRLPSEGPRPAHVVVGDVLQAADVDKTVAGQDAVIVLLGTRND
LSPTTVMSEGARNIVAAMKAHGVDKVVACTSAFLLWDPTKVPPRLQAVTDDHIRMHKVLRESGLKYVAVMPPHIGDQPLT
GAYTVTLDGRGPSRVISKHDLGHFMLRCLTTDEYDGHSTYPSHQYQ
;
_entity_poly.pdbx_strand_id   A
#
loop_
_chem_comp.id
_chem_comp.type
_chem_comp.name
_chem_comp.formula
NA non-polymer 'SODIUM ION' 'Na 1'
#
# COMPACT_ATOMS: atom_id res chain seq x y z
N ALA A 2 -17.58 -11.81 1.11
CA ALA A 2 -16.14 -11.65 0.98
C ALA A 2 -15.80 -10.36 0.22
N VAL A 3 -14.52 -10.19 -0.09
CA VAL A 3 -14.06 -9.01 -0.82
C VAL A 3 -14.10 -9.33 -2.30
N LYS A 4 -14.85 -8.54 -3.06
N LYS A 4 -14.82 -8.48 -3.06
CA LYS A 4 -14.83 -8.66 -4.51
CA LYS A 4 -14.95 -8.68 -4.51
C LYS A 4 -14.40 -7.37 -5.17
C LYS A 4 -14.66 -7.41 -5.31
N LYS A 5 -14.96 -6.24 -4.74
CA LYS A 5 -14.70 -4.94 -5.36
C LYS A 5 -13.64 -4.21 -4.54
N ILE A 6 -12.55 -3.81 -5.18
CA ILE A 6 -11.50 -3.08 -4.48
C ILE A 6 -11.08 -1.84 -5.27
N ALA A 7 -10.64 -0.82 -4.54
CA ALA A 7 -9.92 0.31 -5.11
C ALA A 7 -8.43 0.17 -4.85
N ILE A 8 -7.62 0.54 -5.84
CA ILE A 8 -6.17 0.61 -5.68
C ILE A 8 -5.73 2.04 -5.93
N PHE A 9 -5.05 2.63 -4.95
CA PHE A 9 -4.42 3.95 -5.08
C PHE A 9 -2.92 3.75 -5.28
N GLY A 10 -2.35 4.51 -6.21
CA GLY A 10 -0.95 4.29 -6.56
C GLY A 10 -0.72 3.21 -7.57
N ALA A 11 -1.71 2.88 -8.41
CA ALA A 11 -1.58 1.73 -9.29
C ALA A 11 -0.58 1.94 -10.41
N THR A 12 -0.15 3.18 -10.69
CA THR A 12 0.82 3.38 -11.76
C THR A 12 2.28 3.32 -11.30
N GLY A 13 2.52 3.17 -10.00
CA GLY A 13 3.87 2.98 -9.48
C GLY A 13 4.33 1.55 -9.69
N GLN A 14 5.57 1.30 -9.29
CA GLN A 14 6.18 0.00 -9.61
C GLN A 14 5.45 -1.15 -8.92
N THR A 15 5.24 -1.06 -7.60
CA THR A 15 4.47 -2.10 -6.93
C THR A 15 3.01 -2.04 -7.35
N GLY A 16 2.49 -0.83 -7.57
CA GLY A 16 1.09 -0.69 -7.97
C GLY A 16 0.76 -1.44 -9.25
N LEU A 17 1.63 -1.36 -10.27
CA LEU A 17 1.29 -1.96 -11.56
C LEU A 17 1.16 -3.46 -11.46
N THR A 18 2.09 -4.10 -10.73
CA THR A 18 2.00 -5.54 -10.59
C THR A 18 0.90 -5.95 -9.62
N THR A 19 0.64 -5.14 -8.58
CA THR A 19 -0.52 -5.42 -7.72
C THR A 19 -1.80 -5.37 -8.53
N LEU A 20 -1.92 -4.37 -9.39
CA LEU A 20 -3.09 -4.23 -10.24
C LEU A 20 -3.28 -5.43 -11.16
N ALA A 21 -2.21 -5.84 -11.86
CA ALA A 21 -2.32 -6.98 -12.76
C ALA A 21 -2.72 -8.24 -12.00
N GLN A 22 -2.08 -8.46 -10.85
CA GLN A 22 -2.38 -9.65 -10.04
C GLN A 22 -3.78 -9.63 -9.49
N ALA A 23 -4.29 -8.44 -9.12
CA ALA A 23 -5.65 -8.33 -8.61
C ALA A 23 -6.67 -8.68 -9.68
N VAL A 24 -6.46 -8.18 -10.91
CA VAL A 24 -7.35 -8.51 -12.00
C VAL A 24 -7.29 -10.01 -12.29
N GLN A 25 -6.09 -10.58 -12.31
CA GLN A 25 -5.96 -12.02 -12.54
C GLN A 25 -6.65 -12.83 -11.47
N ALA A 26 -6.64 -12.36 -10.22
CA ALA A 26 -7.31 -13.06 -9.13
C ALA A 26 -8.83 -13.00 -9.21
N GLY A 27 -9.39 -12.15 -10.08
CA GLY A 27 -10.83 -12.04 -10.20
C GLY A 27 -11.46 -10.89 -9.44
N TYR A 28 -10.67 -9.96 -8.91
CA TYR A 28 -11.25 -8.78 -8.28
C TYR A 28 -11.83 -7.85 -9.34
N GLU A 29 -12.92 -7.18 -8.98
CA GLU A 29 -13.42 -6.02 -9.74
C GLU A 29 -12.70 -4.77 -9.23
N VAL A 30 -11.77 -4.25 -10.03
CA VAL A 30 -10.79 -3.27 -9.57
C VAL A 30 -11.11 -1.89 -10.12
N THR A 31 -11.12 -0.89 -9.25
CA THR A 31 -11.18 0.52 -9.59
C THR A 31 -9.84 1.17 -9.24
N VAL A 32 -9.31 2.00 -10.14
CA VAL A 32 -8.08 2.74 -9.84
C VAL A 32 -8.33 4.24 -10.03
N LEU A 33 -7.57 5.05 -9.29
CA LEU A 33 -7.48 6.50 -9.46
C LEU A 33 -6.10 6.84 -10.01
N VAL A 34 -6.06 7.45 -11.21
CA VAL A 34 -4.81 7.79 -11.88
C VAL A 34 -4.89 9.20 -12.47
N ARG A 35 -3.72 9.82 -12.66
CA ARG A 35 -3.69 11.16 -13.26
C ARG A 35 -3.95 11.16 -14.76
N ASP A 36 -3.72 10.01 -15.41
CA ASP A 36 -3.71 9.92 -16.87
C ASP A 36 -3.94 8.46 -17.18
N SER A 37 -5.07 8.15 -17.83
CA SER A 37 -5.39 6.73 -18.03
C SER A 37 -4.39 6.04 -18.94
N SER A 38 -3.62 6.80 -19.73
CA SER A 38 -2.64 6.12 -20.58
C SER A 38 -1.41 5.62 -19.80
N ARG A 39 -1.31 5.91 -18.50
CA ARG A 39 -0.26 5.35 -17.66
C ARG A 39 -0.51 3.90 -17.28
N LEU A 40 -1.63 3.37 -17.59
CA LEU A 40 -1.99 1.99 -17.35
C LEU A 40 -1.78 1.18 -18.62
N PRO A 41 -1.41 -0.08 -18.52
CA PRO A 41 -1.18 -0.86 -19.74
C PRO A 41 -2.46 -1.01 -20.58
N SER A 42 -2.29 -0.92 -21.89
CA SER A 42 -3.42 -1.05 -22.77
C SER A 42 -3.66 -2.49 -23.21
N GLU A 43 -2.78 -3.42 -22.81
CA GLU A 43 -2.96 -4.84 -23.10
C GLU A 43 -2.89 -5.63 -21.80
N GLY A 44 -3.27 -6.91 -21.89
CA GLY A 44 -3.24 -7.79 -20.74
C GLY A 44 -4.34 -7.50 -19.75
N PRO A 45 -4.16 -7.92 -18.50
CA PRO A 45 -5.21 -7.69 -17.48
C PRO A 45 -5.35 -6.20 -17.18
N ARG A 46 -6.59 -5.72 -17.20
CA ARG A 46 -6.90 -4.31 -17.01
C ARG A 46 -8.05 -4.14 -16.02
N PRO A 47 -8.05 -3.05 -15.26
CA PRO A 47 -9.09 -2.89 -14.24
C PRO A 47 -10.45 -2.63 -14.87
N ALA A 48 -11.46 -2.92 -14.06
CA ALA A 48 -12.85 -2.72 -14.47
C ALA A 48 -13.20 -1.24 -14.60
N HIS A 49 -12.64 -0.38 -13.74
CA HIS A 49 -13.05 1.03 -13.67
C HIS A 49 -11.82 1.89 -13.48
N VAL A 50 -11.74 2.95 -14.27
CA VAL A 50 -10.67 3.93 -14.18
C VAL A 50 -11.29 5.28 -13.84
N VAL A 51 -10.82 5.88 -12.76
CA VAL A 51 -11.14 7.26 -12.39
C VAL A 51 -9.90 8.09 -12.66
N VAL A 52 -10.05 9.16 -13.45
CA VAL A 52 -8.94 10.05 -13.73
C VAL A 52 -9.08 11.25 -12.83
N GLY A 53 -8.07 11.44 -11.98
CA GLY A 53 -8.10 12.53 -11.01
C GLY A 53 -6.89 12.43 -10.09
N ASP A 54 -6.99 13.12 -8.95
CA ASP A 54 -5.82 13.36 -8.10
C ASP A 54 -6.15 12.87 -6.70
N VAL A 55 -5.27 12.07 -6.10
CA VAL A 55 -5.52 11.59 -4.73
C VAL A 55 -5.51 12.73 -3.72
N LEU A 56 -4.97 13.89 -4.08
CA LEU A 56 -5.03 15.05 -3.18
C LEU A 56 -6.38 15.78 -3.25
N GLN A 57 -7.27 15.37 -4.14
N GLN A 57 -7.27 15.39 -4.15
CA GLN A 57 -8.60 15.98 -4.27
CA GLN A 57 -8.60 16.00 -4.25
C GLN A 57 -9.63 15.05 -3.62
C GLN A 57 -9.63 15.06 -3.62
N ALA A 58 -10.28 15.54 -2.56
CA ALA A 58 -11.18 14.68 -1.80
C ALA A 58 -12.28 14.07 -2.65
N ALA A 59 -12.85 14.84 -3.58
CA ALA A 59 -13.97 14.34 -4.37
C ALA A 59 -13.52 13.28 -5.37
N ASP A 60 -12.30 13.41 -5.92
CA ASP A 60 -11.80 12.37 -6.82
C ASP A 60 -11.62 11.06 -6.07
N VAL A 61 -11.10 11.14 -4.84
CA VAL A 61 -10.93 9.96 -4.01
C VAL A 61 -12.28 9.36 -3.65
N ASP A 62 -13.28 10.20 -3.38
CA ASP A 62 -14.59 9.69 -2.99
C ASP A 62 -15.21 8.85 -4.11
N LYS A 63 -15.12 9.32 -5.36
CA LYS A 63 -15.60 8.55 -6.52
C LYS A 63 -14.93 7.19 -6.63
N THR A 64 -13.69 7.08 -6.16
CA THR A 64 -12.91 5.84 -6.27
C THR A 64 -13.26 4.87 -5.16
N VAL A 65 -13.55 5.39 -3.96
CA VAL A 65 -13.86 4.52 -2.82
C VAL A 65 -15.32 4.06 -2.85
N ALA A 66 -16.21 4.83 -3.48
CA ALA A 66 -17.63 4.50 -3.47
C ALA A 66 -17.86 3.08 -3.97
N GLY A 67 -18.63 2.32 -3.20
CA GLY A 67 -19.02 0.99 -3.62
C GLY A 67 -18.01 -0.12 -3.41
N GLN A 68 -16.84 0.17 -2.85
CA GLN A 68 -15.83 -0.86 -2.70
C GLN A 68 -16.01 -1.67 -1.43
N ASP A 69 -15.40 -2.85 -1.44
CA ASP A 69 -15.33 -3.71 -0.26
C ASP A 69 -14.05 -3.50 0.54
N ALA A 70 -12.98 -3.01 -0.11
CA ALA A 70 -11.67 -2.86 0.50
C ALA A 70 -10.83 -1.95 -0.37
N VAL A 71 -9.75 -1.43 0.22
CA VAL A 71 -8.88 -0.43 -0.42
C VAL A 71 -7.43 -0.86 -0.22
N ILE A 72 -6.65 -0.82 -1.31
CA ILE A 72 -5.20 -0.99 -1.29
C ILE A 72 -4.56 0.36 -1.54
N VAL A 73 -3.57 0.73 -0.71
CA VAL A 73 -2.90 2.02 -0.83
C VAL A 73 -1.40 1.79 -1.09
N LEU A 74 -0.93 2.24 -2.25
CA LEU A 74 0.46 2.13 -2.69
C LEU A 74 0.95 3.49 -3.22
N LEU A 75 0.77 4.52 -2.40
CA LEU A 75 1.20 5.86 -2.76
C LEU A 75 2.69 6.03 -2.53
N GLY A 76 3.30 6.89 -3.35
CA GLY A 76 4.71 7.18 -3.17
C GLY A 76 4.96 8.61 -3.53
N THR A 77 6.20 8.96 -3.82
CA THR A 77 6.56 10.36 -4.07
C THR A 77 7.21 10.56 -5.44
N ARG A 78 6.96 9.63 -6.38
CA ARG A 78 7.60 9.65 -7.70
C ARG A 78 9.13 9.81 -7.55
N ASN A 79 9.70 9.14 -6.55
CA ASN A 79 11.13 9.08 -6.27
C ASN A 79 11.72 10.41 -5.79
N ASP A 80 10.89 11.36 -5.40
CA ASP A 80 11.33 12.63 -4.81
C ASP A 80 11.57 12.43 -3.32
N LEU A 81 12.76 12.80 -2.84
CA LEU A 81 13.08 12.62 -1.44
C LEU A 81 12.87 13.88 -0.60
N SER A 82 12.32 14.95 -1.18
CA SER A 82 12.10 16.21 -0.49
C SER A 82 11.05 16.06 0.62
N PRO A 83 11.07 16.97 1.60
CA PRO A 83 9.95 17.03 2.55
C PRO A 83 8.62 17.13 1.81
N THR A 84 7.64 16.37 2.30
CA THR A 84 6.41 16.20 1.57
C THR A 84 5.30 15.80 2.51
N THR A 85 4.07 16.11 2.11
CA THR A 85 2.88 15.55 2.74
C THR A 85 2.00 14.84 1.75
N VAL A 86 2.50 14.48 0.56
CA VAL A 86 1.57 13.98 -0.45
C VAL A 86 1.01 12.60 -0.07
N MET A 87 1.77 11.78 0.64
CA MET A 87 1.25 10.46 1.00
C MET A 87 0.27 10.55 2.16
N SER A 88 0.60 11.33 3.17
CA SER A 88 -0.31 11.40 4.31
C SER A 88 -1.58 12.16 3.95
N GLU A 89 -1.49 13.21 3.13
CA GLU A 89 -2.70 13.89 2.71
C GLU A 89 -3.56 13.02 1.80
N GLY A 90 -2.94 12.25 0.91
CA GLY A 90 -3.72 11.26 0.16
C GLY A 90 -4.41 10.27 1.09
N ALA A 91 -3.67 9.70 2.06
CA ALA A 91 -4.30 8.79 3.00
C ALA A 91 -5.45 9.45 3.76
N ARG A 92 -5.32 10.72 4.15
CA ARG A 92 -6.39 11.43 4.83
C ARG A 92 -7.65 11.46 3.97
N ASN A 93 -7.49 11.75 2.66
CA ASN A 93 -8.65 11.73 1.79
C ASN A 93 -9.25 10.32 1.65
N ILE A 94 -8.39 9.29 1.56
CA ILE A 94 -8.87 7.92 1.43
C ILE A 94 -9.66 7.50 2.66
N VAL A 95 -9.10 7.75 3.85
CA VAL A 95 -9.83 7.42 5.09
C VAL A 95 -11.15 8.18 5.18
N ALA A 96 -11.15 9.47 4.84
CA ALA A 96 -12.39 10.23 4.90
C ALA A 96 -13.47 9.62 4.02
N ALA A 97 -13.10 9.18 2.81
CA ALA A 97 -14.09 8.59 1.92
C ALA A 97 -14.53 7.23 2.42
N MET A 98 -13.59 6.43 2.93
CA MET A 98 -13.95 5.14 3.52
C MET A 98 -14.96 5.34 4.64
N LYS A 99 -14.74 6.32 5.52
CA LYS A 99 -15.69 6.56 6.60
C LYS A 99 -17.05 6.99 6.07
N ALA A 100 -17.08 7.86 5.05
CA ALA A 100 -18.38 8.33 4.55
C ALA A 100 -19.20 7.18 3.98
N HIS A 101 -18.54 6.25 3.31
CA HIS A 101 -19.18 5.14 2.61
C HIS A 101 -19.30 3.86 3.45
N GLY A 102 -18.70 3.81 4.63
CA GLY A 102 -18.76 2.59 5.41
C GLY A 102 -17.86 1.47 4.92
N VAL A 103 -16.79 1.80 4.21
CA VAL A 103 -15.80 0.81 3.79
C VAL A 103 -14.82 0.63 4.95
N ASP A 104 -14.57 -0.62 5.37
N ASP A 104 -14.56 -0.62 5.35
CA ASP A 104 -13.84 -0.86 6.61
CA ASP A 104 -13.84 -0.80 6.61
C ASP A 104 -12.37 -1.26 6.43
C ASP A 104 -12.59 -1.68 6.51
N LYS A 105 -12.02 -1.89 5.32
CA LYS A 105 -10.76 -2.63 5.19
C LYS A 105 -9.78 -1.85 4.33
N VAL A 106 -8.60 -1.56 4.87
CA VAL A 106 -7.56 -0.87 4.10
C VAL A 106 -6.23 -1.54 4.36
N VAL A 107 -5.50 -1.82 3.27
CA VAL A 107 -4.17 -2.41 3.30
C VAL A 107 -3.23 -1.37 2.71
N ALA A 108 -2.27 -0.88 3.50
CA ALA A 108 -1.52 0.28 3.02
C ALA A 108 -0.04 0.11 3.26
N CYS A 109 0.75 0.50 2.27
CA CYS A 109 2.19 0.32 2.31
C CYS A 109 2.88 1.58 2.81
N THR A 110 3.75 1.41 3.81
CA THR A 110 4.65 2.49 4.20
C THR A 110 6.07 1.98 3.98
N SER A 111 6.83 1.70 5.04
N SER A 111 6.82 1.70 5.04
N SER A 111 6.84 1.71 5.04
CA SER A 111 8.18 1.19 4.87
CA SER A 111 8.18 1.22 4.88
CA SER A 111 8.19 1.20 4.85
C SER A 111 8.66 0.56 6.17
C SER A 111 8.65 0.55 6.16
C SER A 111 8.69 0.60 6.15
N ALA A 112 9.64 -0.33 6.03
CA ALA A 112 10.24 -0.99 7.19
C ALA A 112 10.94 0.00 8.11
N PHE A 113 11.26 1.21 7.63
CA PHE A 113 11.92 2.16 8.52
C PHE A 113 11.04 2.52 9.69
N LEU A 114 9.72 2.33 9.58
CA LEU A 114 8.83 2.56 10.73
C LEU A 114 9.00 1.51 11.82
N LEU A 115 9.74 0.43 11.53
CA LEU A 115 10.08 -0.60 12.51
C LEU A 115 11.53 -0.52 12.98
N TRP A 116 12.31 0.45 12.51
CA TRP A 116 13.68 0.64 12.90
C TRP A 116 13.76 1.48 14.16
N ASP A 117 14.89 1.36 14.86
CA ASP A 117 15.29 2.40 15.79
C ASP A 117 15.33 3.71 15.02
N PRO A 118 14.46 4.66 15.36
N PRO A 118 14.66 4.77 15.48
CA PRO A 118 14.24 5.84 14.51
CA PRO A 118 14.80 6.06 14.77
C PRO A 118 15.34 6.87 14.58
C PRO A 118 16.24 6.55 14.61
N THR A 119 16.41 6.61 15.33
N THR A 119 17.16 6.22 15.52
CA THR A 119 17.63 7.38 15.22
CA THR A 119 18.52 6.70 15.36
C THR A 119 18.68 6.67 14.37
C THR A 119 19.25 6.04 14.20
N LYS A 120 18.31 5.54 13.73
N LYS A 120 18.72 4.97 13.63
CA LYS A 120 19.20 4.77 12.88
CA LYS A 120 19.38 4.33 12.52
C LYS A 120 18.78 4.79 11.41
C LYS A 120 18.70 4.60 11.17
N VAL A 121 17.66 5.44 11.11
CA VAL A 121 17.12 5.68 9.76
C VAL A 121 18.11 6.54 8.99
N PRO A 122 18.49 6.19 7.76
CA PRO A 122 19.45 7.05 7.01
C PRO A 122 18.92 8.46 6.87
N PRO A 123 19.74 9.49 7.16
CA PRO A 123 19.24 10.87 7.07
C PRO A 123 18.62 11.24 5.73
N ARG A 124 19.18 10.71 4.63
CA ARG A 124 18.66 11.06 3.30
C ARG A 124 17.22 10.61 3.13
N LEU A 125 16.79 9.58 3.85
CA LEU A 125 15.45 9.04 3.73
C LEU A 125 14.54 9.51 4.85
N GLN A 126 15.01 10.45 5.68
CA GLN A 126 14.20 10.85 6.83
C GLN A 126 12.95 11.62 6.43
N ALA A 127 13.01 12.47 5.39
CA ALA A 127 11.83 13.26 5.05
C ALA A 127 10.71 12.37 4.51
N VAL A 128 11.04 11.40 3.66
CA VAL A 128 10.01 10.47 3.18
C VAL A 128 9.50 9.63 4.34
N THR A 129 10.40 9.22 5.24
CA THR A 129 9.96 8.43 6.40
C THR A 129 9.06 9.25 7.30
N ASP A 130 9.36 10.56 7.45
CA ASP A 130 8.47 11.40 8.25
C ASP A 130 7.04 11.38 7.71
N ASP A 131 6.87 11.38 6.39
CA ASP A 131 5.51 11.40 5.89
C ASP A 131 4.88 10.02 5.92
N HIS A 132 5.69 8.95 5.79
CA HIS A 132 5.17 7.61 6.06
C HIS A 132 4.66 7.49 7.49
N ILE A 133 5.37 8.09 8.47
CA ILE A 133 4.91 8.08 9.86
C ILE A 133 3.59 8.84 9.98
N ARG A 134 3.49 10.00 9.35
CA ARG A 134 2.21 10.72 9.35
C ARG A 134 1.09 9.89 8.72
N MET A 135 1.37 9.18 7.62
N MET A 135 1.38 9.19 7.63
CA MET A 135 0.36 8.37 6.96
CA MET A 135 0.39 8.37 6.96
C MET A 135 -0.06 7.19 7.84
C MET A 135 -0.06 7.20 7.84
N HIS A 136 0.90 6.52 8.47
CA HIS A 136 0.57 5.43 9.37
C HIS A 136 -0.30 5.91 10.53
N LYS A 137 -0.02 7.10 11.05
N LYS A 137 -0.05 7.11 11.05
CA LYS A 137 -0.85 7.70 12.10
CA LYS A 137 -0.88 7.62 12.12
C LYS A 137 -2.29 7.89 11.63
C LYS A 137 -2.31 7.90 11.63
N VAL A 138 -2.46 8.47 10.44
CA VAL A 138 -3.79 8.67 9.86
C VAL A 138 -4.55 7.35 9.86
N LEU A 139 -3.90 6.31 9.36
CA LEU A 139 -4.57 5.02 9.21
C LEU A 139 -4.81 4.34 10.56
N ARG A 140 -3.85 4.42 11.48
CA ARG A 140 -4.03 3.79 12.78
C ARG A 140 -5.14 4.48 13.59
N GLU A 141 -5.25 5.80 13.48
CA GLU A 141 -6.22 6.58 14.25
C GLU A 141 -7.62 6.54 13.66
N SER A 142 -7.78 5.93 12.49
CA SER A 142 -9.06 5.97 11.81
C SER A 142 -10.06 5.01 12.43
N GLY A 143 -9.58 3.99 13.14
CA GLY A 143 -10.46 2.94 13.60
C GLY A 143 -10.94 1.99 12.53
N LEU A 144 -10.43 2.11 11.31
CA LEU A 144 -10.74 1.15 10.27
C LEU A 144 -9.91 -0.11 10.47
N LYS A 145 -10.30 -1.20 9.79
CA LYS A 145 -9.48 -2.43 9.83
C LYS A 145 -8.28 -2.21 8.91
N TYR A 146 -7.12 -2.01 9.49
CA TYR A 146 -5.97 -1.49 8.79
C TYR A 146 -4.82 -2.47 8.91
N VAL A 147 -4.31 -2.96 7.78
CA VAL A 147 -3.08 -3.75 7.76
C VAL A 147 -1.95 -2.84 7.31
N ALA A 148 -1.00 -2.62 8.21
CA ALA A 148 0.17 -1.78 7.94
C ALA A 148 1.26 -2.66 7.32
N VAL A 149 1.53 -2.47 6.03
CA VAL A 149 2.57 -3.25 5.35
C VAL A 149 3.80 -2.37 5.31
N MET A 150 4.91 -2.88 5.88
CA MET A 150 6.13 -2.10 6.12
C MET A 150 7.29 -2.84 5.46
N PRO A 151 7.43 -2.74 4.15
CA PRO A 151 8.40 -3.59 3.44
C PRO A 151 9.79 -3.01 3.52
N PRO A 152 10.81 -3.89 3.48
CA PRO A 152 12.19 -3.44 3.27
C PRO A 152 12.42 -3.01 1.83
N HIS A 153 13.67 -2.98 1.37
CA HIS A 153 13.96 -2.60 -0.01
C HIS A 153 13.16 -3.44 -1.00
N ILE A 154 12.51 -2.76 -1.95
CA ILE A 154 11.63 -3.40 -2.93
C ILE A 154 12.44 -3.65 -4.21
N GLY A 155 12.58 -4.94 -4.57
CA GLY A 155 13.35 -5.35 -5.72
C GLY A 155 12.48 -5.72 -6.91
N ASP A 156 13.15 -6.23 -7.95
CA ASP A 156 12.53 -6.58 -9.23
C ASP A 156 12.53 -8.07 -9.51
N GLN A 157 12.81 -8.89 -8.49
CA GLN A 157 12.89 -10.33 -8.67
C GLN A 157 11.53 -10.89 -9.08
N PRO A 158 11.52 -11.94 -9.88
CA PRO A 158 10.26 -12.56 -10.27
C PRO A 158 9.45 -13.03 -9.07
N LEU A 159 8.13 -13.04 -9.25
CA LEU A 159 7.19 -13.55 -8.26
C LEU A 159 7.61 -14.93 -7.75
N THR A 160 7.63 -15.09 -6.43
CA THR A 160 7.83 -16.40 -5.81
C THR A 160 6.63 -16.91 -5.04
N GLY A 161 5.85 -16.03 -4.41
CA GLY A 161 4.79 -16.45 -3.52
C GLY A 161 5.28 -17.21 -2.28
N ALA A 162 6.59 -17.16 -2.02
CA ALA A 162 7.24 -18.01 -1.01
C ALA A 162 7.92 -17.21 0.09
N TYR A 163 7.57 -15.94 0.23
CA TYR A 163 8.22 -15.03 1.15
C TYR A 163 7.74 -15.27 2.59
N THR A 164 8.49 -14.71 3.53
CA THR A 164 8.19 -14.73 4.95
C THR A 164 7.38 -13.50 5.32
N VAL A 165 6.41 -13.66 6.20
CA VAL A 165 5.64 -12.54 6.74
C VAL A 165 5.93 -12.45 8.23
N THR A 166 6.56 -11.34 8.64
CA THR A 166 6.94 -11.11 10.04
C THR A 166 5.96 -10.11 10.63
N LEU A 167 5.40 -10.42 11.79
N LEU A 167 5.43 -10.43 11.80
N LEU A 167 5.40 -10.45 11.78
CA LEU A 167 4.39 -9.58 12.39
CA LEU A 167 4.41 -9.64 12.47
CA LEU A 167 4.39 -9.60 12.42
C LEU A 167 4.99 -8.73 13.50
C LEU A 167 5.05 -8.71 13.51
C LEU A 167 5.03 -8.72 13.49
N ASP A 168 4.71 -7.42 13.46
CA ASP A 168 5.08 -6.47 14.51
C ASP A 168 6.59 -6.43 14.82
N GLY A 169 7.39 -6.51 13.77
CA GLY A 169 8.83 -6.43 13.95
C GLY A 169 9.53 -6.62 12.62
N ARG A 170 10.86 -6.46 12.66
N ARG A 170 10.86 -6.51 12.68
CA ARG A 170 11.66 -6.67 11.47
CA ARG A 170 11.68 -6.68 11.48
C ARG A 170 11.84 -8.16 11.19
C ARG A 170 11.93 -8.15 11.19
N GLY A 171 11.92 -8.49 9.90
CA GLY A 171 12.09 -9.86 9.46
C GLY A 171 13.52 -10.14 9.04
N PRO A 172 13.80 -11.38 8.67
CA PRO A 172 15.21 -11.79 8.48
C PRO A 172 15.84 -11.49 7.13
N SER A 173 15.12 -10.93 6.17
CA SER A 173 15.72 -10.45 4.94
C SER A 173 15.43 -8.97 4.79
N ARG A 174 16.31 -8.26 4.09
CA ARG A 174 16.12 -6.85 3.82
C ARG A 174 15.65 -6.58 2.40
N VAL A 175 15.05 -7.55 1.73
N VAL A 175 15.04 -7.56 1.73
CA VAL A 175 14.50 -7.29 0.41
CA VAL A 175 14.57 -7.41 0.35
C VAL A 175 13.20 -8.06 0.22
C VAL A 175 13.20 -8.09 0.20
N ILE A 176 12.30 -7.47 -0.59
CA ILE A 176 11.08 -8.12 -1.05
C ILE A 176 10.90 -7.71 -2.50
N SER A 177 10.56 -8.66 -3.36
N SER A 177 10.57 -8.65 -3.36
CA SER A 177 10.25 -8.32 -4.73
CA SER A 177 10.30 -8.27 -4.74
C SER A 177 8.95 -7.53 -4.79
C SER A 177 8.97 -7.56 -4.84
N LYS A 178 8.89 -6.58 -5.74
CA LYS A 178 7.63 -5.84 -5.94
C LYS A 178 6.48 -6.80 -6.26
N HIS A 179 6.76 -7.90 -6.95
CA HIS A 179 5.73 -8.88 -7.26
C HIS A 179 5.26 -9.63 -6.03
N ASP A 180 6.19 -10.02 -5.15
CA ASP A 180 5.80 -10.66 -3.90
C ASP A 180 5.08 -9.69 -2.99
N LEU A 181 5.51 -8.42 -2.99
CA LEU A 181 4.84 -7.43 -2.18
C LEU A 181 3.38 -7.25 -2.61
N GLY A 182 3.15 -7.11 -3.93
CA GLY A 182 1.78 -7.05 -4.45
C GLY A 182 0.97 -8.30 -4.12
N HIS A 183 1.59 -9.47 -4.25
CA HIS A 183 0.95 -10.72 -3.86
C HIS A 183 0.52 -10.68 -2.41
N PHE A 184 1.37 -10.16 -1.53
CA PHE A 184 1.01 -10.10 -0.11
C PHE A 184 -0.12 -9.10 0.15
N MET A 185 -0.05 -7.92 -0.49
N MET A 185 -0.12 -7.95 -0.50
CA MET A 185 -1.14 -6.93 -0.41
CA MET A 185 -1.20 -7.02 -0.19
C MET A 185 -2.49 -7.62 -0.63
C MET A 185 -2.56 -7.54 -0.68
N LEU A 186 -2.58 -8.40 -1.70
CA LEU A 186 -3.82 -9.10 -2.03
C LEU A 186 -4.18 -10.18 -1.00
N ARG A 187 -3.17 -10.88 -0.47
N ARG A 187 -3.18 -10.89 -0.47
CA ARG A 187 -3.44 -11.88 0.57
CA ARG A 187 -3.46 -11.88 0.58
C ARG A 187 -4.12 -11.24 1.76
C ARG A 187 -4.16 -11.22 1.75
N CYS A 188 -3.77 -9.99 2.09
CA CYS A 188 -4.36 -9.29 3.22
C CYS A 188 -5.84 -8.97 3.00
N LEU A 189 -6.34 -9.08 1.77
CA LEU A 189 -7.78 -8.96 1.53
C LEU A 189 -8.56 -10.23 1.86
N THR A 190 -7.89 -11.37 1.97
CA THR A 190 -8.59 -12.63 2.16
C THR A 190 -8.62 -13.07 3.61
N THR A 191 -8.02 -12.29 4.51
CA THR A 191 -7.95 -12.66 5.91
C THR A 191 -7.98 -11.40 6.76
N ASP A 192 -8.51 -11.54 7.97
CA ASP A 192 -8.46 -10.49 8.97
C ASP A 192 -7.31 -10.66 9.96
N GLU A 193 -6.48 -11.70 9.80
CA GLU A 193 -5.52 -11.98 10.88
C GLU A 193 -4.41 -10.96 11.00
N TYR A 194 -4.21 -10.10 10.02
CA TYR A 194 -3.19 -9.06 10.13
C TYR A 194 -3.76 -7.71 10.52
N ASP A 195 -5.08 -7.61 10.70
CA ASP A 195 -5.71 -6.33 11.01
C ASP A 195 -5.16 -5.78 12.32
N GLY A 196 -4.74 -4.53 12.30
CA GLY A 196 -4.20 -3.89 13.50
C GLY A 196 -2.76 -4.22 13.78
N HIS A 197 -2.13 -5.01 12.92
CA HIS A 197 -0.73 -5.36 13.05
C HIS A 197 0.12 -4.65 12.01
N SER A 198 1.43 -4.62 12.27
N SER A 198 1.42 -4.60 12.28
CA SER A 198 2.38 -4.29 11.21
CA SER A 198 2.36 -4.30 11.20
C SER A 198 2.93 -5.59 10.63
C SER A 198 2.88 -5.61 10.61
N THR A 199 3.15 -5.58 9.32
CA THR A 199 3.63 -6.75 8.60
C THR A 199 4.85 -6.40 7.79
N TYR A 200 5.85 -7.28 7.82
CA TYR A 200 7.11 -7.09 7.11
C TYR A 200 7.32 -8.31 6.22
N PRO A 201 6.97 -8.22 4.94
CA PRO A 201 7.27 -9.31 4.00
C PRO A 201 8.72 -9.25 3.54
N SER A 202 9.38 -10.40 3.51
CA SER A 202 10.75 -10.42 3.02
C SER A 202 11.09 -11.83 2.54
N HIS A 203 12.15 -11.92 1.75
CA HIS A 203 12.51 -13.20 1.18
C HIS A 203 13.98 -13.18 0.81
N GLN A 204 14.57 -14.38 0.79
CA GLN A 204 15.92 -14.58 0.28
C GLN A 204 15.77 -15.09 -1.16
N TYR A 205 16.21 -14.28 -2.12
CA TYR A 205 16.07 -14.61 -3.54
C TYR A 205 17.31 -15.27 -4.16
N GLN A 206 18.34 -15.53 -3.37
CA GLN A 206 19.52 -16.22 -3.90
C GLN A 206 20.02 -17.26 -2.90
NA NA B . -0.99 8.35 -11.94
NA NA C . 9.76 -11.34 6.84
#